data_9GWL
#
_entry.id   9GWL
#
_cell.length_a   93.575
_cell.length_b   61.487
_cell.length_c   119.107
_cell.angle_alpha   90.000
_cell.angle_beta   102.026
_cell.angle_gamma   90.000
#
_symmetry.space_group_name_H-M   'C 1 2 1'
#
loop_
_entity.id
_entity.type
_entity.pdbx_description
1 polymer 'Peroxisome proliferator-activated receptor gamma'
2 non-polymer '4-[6-chloranyl-1-[2-chloranyl-6-(trifluoromethyl)phenyl]carbonyl-indazol-3-yl]-3-phenylmethoxy-benzoic acid'
3 water water
#
_entity_poly.entity_id   1
_entity_poly.type   'polypeptide(L)'
_entity_poly.pdbx_seq_one_letter_code
;GSHMESADLRALAKHLYDSYIKSFPLTKAKARAILTGKTTDKSPFVIYDMNSLMMGEDKIKFKHITPLQEQSKEVAIRIF
QGCQFRSVEAVQEITEYAKSIPGFVNLDLNDQVTLLKYGVHEIIYTMLASLMNKDGVLISEGQGFMTREFLKSLRKPFGD
FMEPKFEFAVKFNALELDDSDLAIFIAVIILSGDRPGLLNVKPIEDIQDNLLQALELQLKLNHPESSQLFAKLLQKMTDL
RQIVTEHVQLLQVIKKTETDMSLHPLLQEIYKDLY
;
_entity_poly.pdbx_strand_id   B,A
#
loop_
_chem_comp.id
_chem_comp.type
_chem_comp.name
_chem_comp.formula
A1IP7 non-polymer '4-[6-chloranyl-1-[2-chloranyl-6-(trifluoromethyl)phenyl]carbonyl-indazol-3-yl]-3-phenylmethoxy-benzoic acid' 'C29 H17 Cl2 F3 N2 O4'
#
# COMPACT_ATOMS: atom_id res chain seq x y z
N MET A 4 5.93 25.12 -7.21
CA MET A 4 7.37 25.11 -7.35
C MET A 4 7.72 25.26 -8.83
N GLU A 5 8.74 26.05 -9.14
CA GLU A 5 9.16 26.19 -10.52
C GLU A 5 10.02 24.99 -10.92
N SER A 6 10.05 24.72 -12.23
CA SER A 6 10.76 23.55 -12.74
C SER A 6 12.21 23.54 -12.30
N ALA A 7 12.87 24.69 -12.36
CA ALA A 7 14.29 24.75 -12.00
C ALA A 7 14.51 24.51 -10.51
N ASP A 8 13.52 24.87 -9.67
CA ASP A 8 13.68 24.56 -8.25
C ASP A 8 13.51 23.06 -8.01
N LEU A 9 12.64 22.40 -8.76
CA LEU A 9 12.49 20.95 -8.60
C LEU A 9 13.78 20.24 -8.99
N ARG A 10 14.41 20.66 -10.09
CA ARG A 10 15.69 20.08 -10.47
C ARG A 10 16.76 20.39 -9.44
N ALA A 11 16.72 21.57 -8.82
CA ALA A 11 17.66 21.86 -7.74
C ALA A 11 17.46 20.91 -6.57
N LEU A 12 16.19 20.68 -6.20
CA LEU A 12 15.91 19.78 -5.10
C LEU A 12 16.33 18.36 -5.44
N ALA A 13 16.09 17.93 -6.69
CA ALA A 13 16.49 16.60 -7.12
C ALA A 13 18.00 16.43 -7.05
N LYS A 14 18.74 17.41 -7.56
CA LYS A 14 20.20 17.34 -7.52
C LYS A 14 20.72 17.36 -6.10
N HIS A 15 20.17 18.23 -5.26
CA HIS A 15 20.57 18.26 -3.85
C HIS A 15 20.43 16.88 -3.22
N LEU A 16 19.27 16.25 -3.41
CA LEU A 16 19.02 14.94 -2.79
C LEU A 16 19.97 13.87 -3.35
N TYR A 17 20.24 13.91 -4.66
CA TYR A 17 21.17 12.95 -5.27
C TYR A 17 22.57 13.06 -4.65
N ASP A 18 23.10 14.28 -4.53
CA ASP A 18 24.43 14.47 -3.95
C ASP A 18 24.49 13.91 -2.53
N SER A 19 23.49 14.21 -1.71
CA SER A 19 23.50 13.72 -0.34
C SER A 19 23.33 12.20 -0.29
N TYR A 20 22.49 11.65 -1.15
CA TYR A 20 22.31 10.20 -1.21
C TYR A 20 23.64 9.52 -1.56
N ILE A 21 24.43 10.13 -2.44
CA ILE A 21 25.77 9.59 -2.76
C ILE A 21 26.68 9.60 -1.54
N LYS A 22 26.67 10.68 -0.76
CA LYS A 22 27.52 10.75 0.43
C LYS A 22 27.02 9.84 1.56
N SER A 23 25.72 9.59 1.65
CA SER A 23 25.18 8.86 2.80
C SER A 23 25.28 7.35 2.65
N PHE A 24 25.17 6.85 1.46
CA PHE A 24 25.08 5.41 1.31
C PHE A 24 26.33 4.86 0.65
N PRO A 25 26.98 3.88 1.26
CA PRO A 25 28.31 3.47 0.77
C PRO A 25 28.27 2.84 -0.62
N LEU A 26 27.34 1.94 -0.87
CA LEU A 26 27.26 1.20 -2.13
C LEU A 26 26.03 1.67 -2.89
N THR A 27 26.24 2.41 -3.98
CA THR A 27 25.13 2.93 -4.75
C THR A 27 24.54 1.82 -5.64
N LYS A 28 23.36 2.09 -6.21
CA LYS A 28 22.80 1.12 -7.16
C LYS A 28 23.67 0.99 -8.40
N ALA A 29 24.14 2.11 -8.95
CA ALA A 29 25.02 2.09 -10.12
C ALA A 29 26.22 1.16 -9.91
N LYS A 30 26.90 1.31 -8.78
CA LYS A 30 28.05 0.44 -8.51
C LYS A 30 27.60 -1.00 -8.25
N ALA A 31 26.51 -1.19 -7.52
CA ALA A 31 26.03 -2.55 -7.24
C ALA A 31 25.70 -3.33 -8.52
N ARG A 32 25.06 -2.68 -9.50
CA ARG A 32 24.71 -3.36 -10.75
C ARG A 32 25.96 -3.78 -11.52
N ALA A 33 27.01 -2.96 -11.48
CA ALA A 33 28.26 -3.33 -12.13
C ALA A 33 28.83 -4.60 -11.53
N ILE A 34 28.76 -4.75 -10.21
CA ILE A 34 29.23 -5.98 -9.58
C ILE A 34 28.32 -7.15 -9.97
N LEU A 35 27.00 -6.94 -9.91
CA LEU A 35 26.06 -8.04 -10.15
C LEU A 35 26.11 -8.55 -11.58
N THR A 36 26.16 -7.64 -12.55
CA THR A 36 26.20 -8.05 -13.95
C THR A 36 27.57 -8.56 -14.38
N GLY A 37 28.62 -8.25 -13.62
CA GLY A 37 29.94 -8.67 -14.00
C GLY A 37 30.54 -7.80 -15.09
N LYS A 38 30.22 -6.50 -15.08
CA LYS A 38 30.70 -5.58 -16.09
C LYS A 38 32.04 -4.97 -15.69
N LYS A 42 38.35 -8.31 -9.44
CA LYS A 42 37.71 -7.87 -8.22
C LYS A 42 36.31 -8.48 -8.04
N SER A 43 36.10 -9.67 -8.60
CA SER A 43 34.83 -10.35 -8.45
C SER A 43 34.53 -10.56 -6.96
N PRO A 44 33.29 -10.37 -6.52
CA PRO A 44 33.00 -10.54 -5.10
C PRO A 44 33.16 -11.99 -4.69
N PHE A 45 33.44 -12.20 -3.40
CA PHE A 45 33.47 -13.57 -2.89
C PHE A 45 32.04 -14.11 -2.80
N VAL A 46 31.82 -15.32 -3.31
CA VAL A 46 30.48 -15.88 -3.44
C VAL A 46 30.23 -16.87 -2.33
N ILE A 47 29.15 -16.66 -1.59
CA ILE A 47 28.69 -17.58 -0.56
C ILE A 47 27.48 -18.30 -1.14
N TYR A 48 27.64 -19.58 -1.45
CA TYR A 48 26.58 -20.38 -2.05
C TYR A 48 26.26 -21.63 -1.26
N ASP A 49 27.00 -21.93 -0.18
CA ASP A 49 26.76 -23.11 0.63
C ASP A 49 27.52 -22.98 1.94
N MET A 50 27.46 -24.05 2.74
CA MET A 50 28.02 -24.00 4.10
C MET A 50 29.55 -23.85 4.07
N ASN A 51 30.25 -24.63 3.24
CA ASN A 51 31.71 -24.51 3.21
C ASN A 51 32.17 -23.15 2.65
N SER A 52 31.53 -22.67 1.59
CA SER A 52 31.92 -21.37 1.06
C SER A 52 31.65 -20.27 2.08
N LEU A 53 30.59 -20.40 2.88
CA LEU A 53 30.36 -19.44 3.97
C LEU A 53 31.51 -19.49 4.96
N MET A 54 31.88 -20.70 5.40
CA MET A 54 32.96 -20.86 6.37
C MET A 54 34.26 -20.22 5.87
N MET A 55 34.57 -20.39 4.58
CA MET A 55 35.77 -19.77 4.03
C MET A 55 35.63 -18.25 3.93
N GLY A 56 34.44 -17.76 3.62
CA GLY A 56 34.25 -16.33 3.50
C GLY A 56 34.49 -15.59 4.81
N GLU A 57 34.02 -16.16 5.92
CA GLU A 57 34.25 -15.52 7.21
C GLU A 57 35.71 -15.62 7.64
N ASP A 58 36.42 -16.67 7.20
CA ASP A 58 37.84 -16.80 7.56
C ASP A 58 38.74 -15.93 6.68
N LYS A 59 38.46 -15.87 5.37
CA LYS A 59 39.32 -15.09 4.48
C LYS A 59 38.92 -13.62 4.47
N ILE A 60 37.64 -13.35 4.28
CA ILE A 60 37.10 -12.00 4.44
C ILE A 60 36.59 -11.88 5.87
N LYS A 61 36.50 -10.65 6.36
CA LYS A 61 36.01 -10.40 7.72
C LYS A 61 34.62 -9.78 7.62
N PHE A 62 33.62 -10.63 7.37
CA PHE A 62 32.22 -10.20 7.34
C PHE A 62 31.79 -9.88 8.76
N LYS A 63 31.78 -8.58 9.11
CA LYS A 63 31.58 -8.16 10.50
C LYS A 63 30.22 -8.57 11.05
N HIS A 64 29.25 -8.81 10.20
CA HIS A 64 27.93 -9.19 10.66
C HIS A 64 27.73 -10.71 10.71
N ILE A 65 28.63 -11.50 10.12
CA ILE A 65 28.53 -12.96 10.11
C ILE A 65 29.59 -13.62 10.99
N THR A 66 30.33 -12.84 11.79
CA THR A 66 31.19 -13.37 12.84
C THR A 66 30.56 -13.11 14.20
N PRO A 67 30.96 -13.87 15.25
CA PRO A 67 30.65 -13.67 16.67
C PRO A 67 30.28 -12.24 17.08
N LYS A 73 27.74 -21.36 16.92
CA LYS A 73 26.28 -21.29 16.86
C LYS A 73 25.76 -21.79 15.51
N GLU A 74 24.45 -21.93 15.41
CA GLU A 74 23.84 -22.43 14.18
C GLU A 74 23.91 -21.42 13.04
N VAL A 75 24.16 -21.93 11.84
CA VAL A 75 24.40 -21.07 10.69
C VAL A 75 23.16 -20.24 10.36
N ALA A 76 21.99 -20.89 10.30
CA ALA A 76 20.78 -20.17 9.91
C ALA A 76 20.51 -18.99 10.84
N ILE A 77 20.77 -19.14 12.14
CA ILE A 77 20.58 -18.06 13.10
C ILE A 77 21.63 -16.98 12.88
N ARG A 78 22.89 -17.36 12.66
CA ARG A 78 23.94 -16.37 12.45
C ARG A 78 23.66 -15.52 11.22
N ILE A 79 23.19 -16.14 10.12
CA ILE A 79 22.84 -15.36 8.94
C ILE A 79 21.69 -14.41 9.25
N PHE A 80 20.62 -14.92 9.85
CA PHE A 80 19.48 -14.08 10.20
C PHE A 80 19.90 -12.89 11.05
N GLN A 81 20.68 -13.16 12.10
CA GLN A 81 21.18 -12.09 12.95
C GLN A 81 22.07 -11.13 12.17
N GLY A 82 22.87 -11.67 11.24
CA GLY A 82 23.67 -10.84 10.36
C GLY A 82 22.85 -9.83 9.55
N CYS A 83 21.70 -10.27 9.03
CA CYS A 83 20.80 -9.34 8.35
C CYS A 83 20.33 -8.26 9.32
N GLN A 84 20.01 -8.64 10.56
CA GLN A 84 19.55 -7.69 11.55
C GLN A 84 20.63 -6.69 11.91
N PHE A 85 21.87 -7.16 12.06
CA PHE A 85 22.98 -6.26 12.38
C PHE A 85 23.21 -5.24 11.26
N ARG A 86 23.10 -5.66 9.99
CA ARG A 86 23.30 -4.70 8.92
C ARG A 86 22.13 -3.73 8.83
N SER A 87 20.92 -4.17 9.15
CA SER A 87 19.76 -3.29 9.11
C SER A 87 19.92 -2.12 10.08
N VAL A 88 20.48 -2.39 11.26
CA VAL A 88 20.81 -1.33 12.20
C VAL A 88 21.83 -0.34 11.64
N GLU A 89 22.90 -0.83 10.99
CA GLU A 89 23.82 0.13 10.35
C GLU A 89 23.10 1.02 9.36
N ALA A 90 22.26 0.42 8.52
CA ALA A 90 21.55 1.21 7.51
C ALA A 90 20.66 2.26 8.16
N VAL A 91 20.07 1.96 9.31
CA VAL A 91 19.23 2.95 9.98
C VAL A 91 19.98 4.26 10.23
N GLN A 92 21.25 4.17 10.65
CA GLN A 92 22.04 5.39 10.87
C GLN A 92 22.35 6.09 9.55
N GLU A 93 22.57 5.33 8.48
CA GLU A 93 22.78 5.97 7.19
C GLU A 93 21.51 6.70 6.71
N ILE A 94 20.35 6.06 6.86
CA ILE A 94 19.08 6.70 6.49
C ILE A 94 18.83 7.96 7.34
N THR A 95 19.13 7.88 8.64
CA THR A 95 18.96 9.03 9.53
C THR A 95 19.80 10.21 9.06
N GLU A 96 21.04 9.96 8.67
CA GLU A 96 21.89 11.05 8.23
C GLU A 96 21.37 11.65 6.92
N TYR A 97 20.97 10.80 5.97
CA TYR A 97 20.38 11.28 4.73
C TYR A 97 19.14 12.12 4.98
N ALA A 98 18.28 11.70 5.90
CA ALA A 98 17.05 12.46 6.19
C ALA A 98 17.35 13.89 6.62
N LYS A 99 18.48 14.10 7.35
CA LYS A 99 18.84 15.45 7.76
C LYS A 99 19.07 16.36 6.57
N SER A 100 19.46 15.81 5.42
CA SER A 100 19.71 16.66 4.26
C SER A 100 18.44 17.03 3.51
N ILE A 101 17.32 16.40 3.80
CA ILE A 101 16.09 16.75 3.09
C ILE A 101 15.62 18.14 3.50
N PRO A 102 15.58 19.12 2.60
CA PRO A 102 15.16 20.48 2.98
C PRO A 102 13.86 20.45 3.76
N GLY A 103 13.91 21.06 4.96
CA GLY A 103 12.78 21.19 5.84
C GLY A 103 12.77 20.18 6.97
N PHE A 104 13.47 19.04 6.82
CA PHE A 104 13.31 17.94 7.76
C PHE A 104 13.77 18.31 9.17
N VAL A 105 14.98 18.87 9.29
CA VAL A 105 15.50 19.20 10.62
C VAL A 105 14.71 20.32 11.29
N ASN A 106 13.93 21.08 10.52
CA ASN A 106 13.09 22.10 11.13
C ASN A 106 11.79 21.54 11.70
N LEU A 107 11.49 20.27 11.45
CA LEU A 107 10.27 19.70 12.00
C LEU A 107 10.43 19.51 13.50
N ASP A 108 9.30 19.49 14.21
CA ASP A 108 9.28 19.09 15.61
C ASP A 108 10.14 17.84 15.83
N LEU A 109 10.88 17.84 16.94
CA LEU A 109 11.89 16.79 17.14
C LEU A 109 11.25 15.42 17.30
N ASN A 110 10.14 15.32 18.03
CA ASN A 110 9.43 14.05 18.17
C ASN A 110 8.90 13.57 16.83
N ASP A 111 8.48 14.48 15.95
CA ASP A 111 7.98 14.09 14.63
C ASP A 111 9.12 13.57 13.76
N GLN A 112 10.30 14.17 13.86
CA GLN A 112 11.47 13.63 13.16
C GLN A 112 11.72 12.19 13.57
N VAL A 113 11.73 11.91 14.88
CA VAL A 113 11.95 10.55 15.38
C VAL A 113 10.84 9.62 14.90
N THR A 114 9.59 10.08 14.99
CA THR A 114 8.47 9.26 14.52
C THR A 114 8.59 8.91 13.04
N LEU A 115 8.90 9.90 12.20
CA LEU A 115 9.05 9.63 10.77
C LEU A 115 10.13 8.60 10.51
N LEU A 116 11.28 8.71 11.21
CA LEU A 116 12.35 7.75 10.99
C LEU A 116 11.96 6.37 11.51
N LYS A 117 11.37 6.32 12.71
CA LYS A 117 10.99 5.03 13.31
C LYS A 117 10.11 4.18 12.39
N TYR A 118 9.07 4.78 11.79
CA TYR A 118 8.10 4.03 10.99
C TYR A 118 8.46 3.96 9.51
N GLY A 119 9.52 4.64 9.06
CA GLY A 119 9.92 4.67 7.66
C GLY A 119 11.10 3.78 7.32
N VAL A 120 11.96 3.49 8.31
CA VAL A 120 13.23 2.81 8.03
C VAL A 120 13.00 1.43 7.43
N HIS A 121 11.99 0.70 7.89
CA HIS A 121 11.77 -0.63 7.32
C HIS A 121 11.46 -0.56 5.83
N GLU A 122 10.57 0.36 5.44
CA GLU A 122 10.22 0.51 4.03
C GLU A 122 11.43 0.92 3.21
N ILE A 123 12.27 1.78 3.77
CA ILE A 123 13.43 2.25 3.02
C ILE A 123 14.50 1.16 2.92
N ILE A 124 14.69 0.39 4.00
CA ILE A 124 15.65 -0.71 3.96
C ILE A 124 15.24 -1.72 2.87
N TYR A 125 13.95 -2.09 2.83
CA TYR A 125 13.48 -2.98 1.76
C TYR A 125 13.73 -2.37 0.39
N THR A 126 13.41 -1.07 0.24
CA THR A 126 13.56 -0.41 -1.06
C THR A 126 15.02 -0.47 -1.52
N MET A 127 15.92 -0.10 -0.61
CA MET A 127 17.32 0.02 -0.98
C MET A 127 17.99 -1.34 -1.06
N LEU A 128 17.47 -2.35 -0.35
CA LEU A 128 18.00 -3.70 -0.50
C LEU A 128 17.81 -4.22 -1.93
N ALA A 129 16.74 -3.83 -2.61
CA ALA A 129 16.54 -4.26 -3.99
C ALA A 129 17.70 -3.82 -4.87
N SER A 130 18.28 -2.67 -4.60
CA SER A 130 19.44 -2.20 -5.35
C SER A 130 20.60 -3.18 -5.28
N LEU A 131 20.69 -3.97 -4.20
CA LEU A 131 21.78 -4.90 -3.97
C LEU A 131 21.41 -6.32 -4.35
N MET A 132 20.22 -6.53 -4.93
CA MET A 132 19.71 -7.85 -5.22
C MET A 132 19.48 -8.02 -6.71
N ASN A 133 19.65 -9.26 -7.15
CA ASN A 133 19.01 -9.68 -8.39
C ASN A 133 18.34 -11.02 -8.10
N LYS A 134 17.81 -11.67 -9.14
CA LYS A 134 17.06 -12.91 -8.96
C LYS A 134 17.92 -14.05 -8.40
N ASP A 135 19.24 -13.91 -8.42
CA ASP A 135 20.16 -14.97 -8.02
C ASP A 135 20.83 -14.74 -6.67
N GLY A 136 20.81 -13.53 -6.12
CA GLY A 136 21.39 -13.32 -4.81
C GLY A 136 21.50 -11.84 -4.45
N VAL A 137 22.27 -11.58 -3.37
CA VAL A 137 22.37 -10.26 -2.74
C VAL A 137 23.84 -9.94 -2.42
N LEU A 138 24.24 -8.70 -2.70
CA LEU A 138 25.55 -8.23 -2.31
C LEU A 138 25.61 -8.00 -0.81
N ILE A 139 26.78 -8.24 -0.22
CA ILE A 139 27.04 -7.97 1.19
C ILE A 139 28.41 -7.31 1.33
N SER A 140 28.64 -6.72 2.51
CA SER A 140 29.90 -6.06 2.86
C SER A 140 30.38 -5.10 1.78
N GLU A 141 29.51 -4.15 1.47
CA GLU A 141 29.82 -3.11 0.50
C GLU A 141 30.23 -3.71 -0.84
N GLY A 142 29.51 -4.76 -1.27
CA GLY A 142 29.73 -5.35 -2.57
C GLY A 142 30.92 -6.29 -2.68
N GLN A 143 31.63 -6.54 -1.59
CA GLN A 143 32.75 -7.47 -1.61
C GLN A 143 32.28 -8.92 -1.62
N GLY A 144 31.05 -9.18 -1.17
CA GLY A 144 30.55 -10.53 -1.10
C GLY A 144 29.20 -10.66 -1.84
N PHE A 145 28.85 -11.90 -2.12
CA PHE A 145 27.61 -12.20 -2.83
C PHE A 145 27.03 -13.48 -2.24
N MET A 146 25.84 -13.39 -1.63
CA MET A 146 25.21 -14.59 -1.08
C MET A 146 24.07 -14.99 -2.00
N THR A 147 24.08 -16.25 -2.44
CA THR A 147 23.11 -16.68 -3.43
C THR A 147 21.71 -16.74 -2.81
N ARG A 148 20.72 -16.52 -3.67
CA ARG A 148 19.32 -16.65 -3.28
C ARG A 148 19.01 -18.06 -2.81
N GLU A 149 19.57 -19.05 -3.50
CA GLU A 149 19.31 -20.45 -3.17
C GLU A 149 19.87 -20.81 -1.80
N PHE A 150 21.05 -20.31 -1.46
CA PHE A 150 21.59 -20.57 -0.12
C PHE A 150 20.70 -19.96 0.97
N LEU A 151 20.28 -18.71 0.77
CA LEU A 151 19.43 -18.07 1.77
C LEU A 151 18.07 -18.77 1.90
N LYS A 152 17.45 -19.07 0.76
CA LYS A 152 16.14 -19.75 0.73
C LYS A 152 16.20 -21.15 1.33
N SER A 153 17.36 -21.80 1.33
CA SER A 153 17.46 -23.17 1.82
C SER A 153 17.77 -23.27 3.32
N LEU A 154 17.88 -22.15 4.03
CA LEU A 154 18.09 -22.23 5.47
C LEU A 154 16.89 -22.90 6.13
N ARG A 155 17.15 -23.60 7.24
CA ARG A 155 16.14 -24.44 7.87
C ARG A 155 15.04 -23.58 8.54
N LYS A 156 14.02 -24.30 9.04
CA LYS A 156 12.91 -23.89 9.90
C LYS A 156 12.22 -22.64 9.33
N PRO A 157 11.98 -21.52 10.04
CA PRO A 157 11.38 -20.39 9.32
C PRO A 157 12.38 -19.46 8.65
N PHE A 158 13.70 -19.66 8.86
CA PHE A 158 14.66 -18.70 8.36
C PHE A 158 14.70 -18.69 6.83
N GLY A 159 14.57 -19.88 6.22
CA GLY A 159 14.49 -19.95 4.76
C GLY A 159 13.32 -19.18 4.19
N ASP A 160 12.12 -19.39 4.75
CA ASP A 160 10.94 -18.66 4.29
C ASP A 160 10.93 -17.22 4.77
N PHE A 161 11.86 -16.84 5.64
CA PHE A 161 11.99 -15.44 6.01
C PHE A 161 12.67 -14.64 4.91
N MET A 162 13.62 -15.27 4.19
CA MET A 162 14.51 -14.58 3.26
C MET A 162 13.88 -14.40 1.88
N GLU A 163 13.21 -15.45 1.40
CA GLU A 163 12.72 -15.46 0.02
C GLU A 163 11.77 -14.31 -0.32
N PRO A 164 10.82 -13.90 0.55
CA PRO A 164 9.95 -12.77 0.20
C PRO A 164 10.70 -11.50 -0.18
N LYS A 165 11.89 -11.27 0.40
CA LYS A 165 12.68 -10.09 0.04
C LYS A 165 13.10 -10.11 -1.43
N PHE A 166 13.61 -11.26 -1.89
CA PHE A 166 13.98 -11.41 -3.30
C PHE A 166 12.77 -11.25 -4.22
N GLU A 167 11.64 -11.82 -3.82
CA GLU A 167 10.41 -11.70 -4.61
C GLU A 167 10.03 -10.24 -4.79
N PHE A 168 10.03 -9.45 -3.71
CA PHE A 168 9.78 -8.02 -3.88
C PHE A 168 10.84 -7.36 -4.76
N ALA A 169 12.12 -7.61 -4.46
CA ALA A 169 13.19 -6.91 -5.15
C ALA A 169 13.12 -7.14 -6.65
N VAL A 170 12.91 -8.38 -7.06
CA VAL A 170 12.76 -8.67 -8.49
C VAL A 170 11.64 -7.85 -9.10
N LYS A 171 10.50 -7.75 -8.43
CA LYS A 171 9.42 -6.92 -8.98
C LYS A 171 9.82 -5.45 -8.97
N PHE A 172 10.43 -4.97 -7.88
CA PHE A 172 10.79 -3.56 -7.82
C PHE A 172 11.85 -3.22 -8.85
N ASN A 173 12.85 -4.09 -9.04
CA ASN A 173 13.93 -3.79 -9.98
C ASN A 173 13.46 -3.71 -11.43
N ALA A 174 12.32 -4.32 -11.79
CA ALA A 174 11.78 -4.18 -13.14
C ALA A 174 11.42 -2.74 -13.50
N LEU A 175 11.25 -1.86 -12.52
CA LEU A 175 11.05 -0.44 -12.85
C LEU A 175 12.32 0.20 -13.37
N GLU A 176 13.48 -0.38 -13.12
CA GLU A 176 14.75 0.13 -13.63
C GLU A 176 15.05 1.55 -13.14
N LEU A 177 14.70 1.83 -11.89
CA LEU A 177 15.09 3.13 -11.30
C LEU A 177 16.60 3.21 -11.15
N ASP A 178 17.14 4.43 -11.25
CA ASP A 178 18.54 4.65 -10.90
C ASP A 178 18.63 5.47 -9.62
N ASP A 179 19.87 5.79 -9.22
CA ASP A 179 20.11 6.42 -7.92
C ASP A 179 19.48 7.80 -7.82
N SER A 180 19.53 8.60 -8.89
CA SER A 180 18.87 9.91 -8.84
C SER A 180 17.36 9.77 -8.70
N ASP A 181 16.75 8.72 -9.27
CA ASP A 181 15.32 8.47 -9.02
C ASP A 181 15.10 8.08 -7.56
N LEU A 182 15.94 7.16 -7.06
CA LEU A 182 15.74 6.58 -5.73
C LEU A 182 15.93 7.62 -4.62
N ALA A 183 16.88 8.56 -4.77
CA ALA A 183 17.09 9.55 -3.71
C ALA A 183 15.81 10.32 -3.39
N ILE A 184 15.07 10.75 -4.41
CA ILE A 184 13.82 11.46 -4.17
C ILE A 184 12.75 10.51 -3.63
N PHE A 185 12.68 9.30 -4.17
CA PHE A 185 11.67 8.33 -3.73
C PHE A 185 11.82 8.04 -2.24
N ILE A 186 13.04 7.76 -1.80
CA ILE A 186 13.29 7.52 -0.40
C ILE A 186 12.92 8.74 0.45
N ALA A 187 13.20 9.94 -0.05
CA ALA A 187 12.77 11.15 0.65
C ALA A 187 11.24 11.19 0.79
N VAL A 188 10.52 10.80 -0.27
CA VAL A 188 9.05 10.77 -0.23
C VAL A 188 8.56 9.83 0.87
N ILE A 189 9.19 8.66 0.98
CA ILE A 189 8.80 7.70 2.01
C ILE A 189 8.98 8.29 3.40
N ILE A 190 10.10 8.98 3.64
CA ILE A 190 10.38 9.48 4.98
C ILE A 190 9.30 10.48 5.40
N LEU A 191 8.93 11.36 4.49
CA LEU A 191 8.00 12.46 4.80
C LEU A 191 6.55 12.02 4.60
N SER A 192 6.16 10.94 5.29
CA SER A 192 4.80 10.42 5.20
C SER A 192 3.97 10.95 6.37
N GLY A 193 2.95 11.73 6.05
CA GLY A 193 2.12 12.37 7.04
C GLY A 193 1.17 11.44 7.78
N ASP A 194 1.07 10.18 7.38
CA ASP A 194 0.15 9.27 8.04
C ASP A 194 0.82 8.38 9.08
N ARG A 195 2.06 8.70 9.49
CA ARG A 195 2.66 7.88 10.53
C ARG A 195 1.89 8.11 11.84
N PRO A 196 1.66 7.06 12.63
CA PRO A 196 0.93 7.25 13.90
C PRO A 196 1.74 8.11 14.86
N GLY A 197 1.03 8.98 15.55
CA GLY A 197 1.59 9.80 16.61
C GLY A 197 2.21 11.10 16.15
N LEU A 198 2.10 11.44 14.86
CA LEU A 198 2.66 12.70 14.40
C LEU A 198 1.95 13.86 15.10
N LEU A 199 2.71 14.87 15.47
CA LEU A 199 2.13 16.00 16.17
C LEU A 199 1.74 17.15 15.24
N ASN A 200 2.51 17.38 14.19
CA ASN A 200 2.27 18.49 13.27
C ASN A 200 2.37 17.99 11.82
N VAL A 201 1.26 17.47 11.30
CA VAL A 201 1.27 16.82 9.99
C VAL A 201 1.50 17.83 8.86
N LYS A 202 1.05 19.06 9.03
CA LYS A 202 1.05 20.00 7.89
C LYS A 202 2.42 20.20 7.30
N PRO A 203 3.49 20.56 8.03
CA PRO A 203 4.78 20.78 7.38
C PRO A 203 5.35 19.52 6.77
N ILE A 204 4.96 18.34 7.26
CA ILE A 204 5.40 17.08 6.68
C ILE A 204 4.78 16.87 5.31
N GLU A 205 3.47 17.02 5.20
CA GLU A 205 2.83 16.86 3.89
C GLU A 205 3.23 17.99 2.96
N ASP A 206 3.51 19.19 3.49
CA ASP A 206 4.01 20.26 2.62
C ASP A 206 5.37 19.89 2.01
N ILE A 207 6.26 19.30 2.79
CA ILE A 207 7.53 18.86 2.24
C ILE A 207 7.33 17.70 1.26
N GLN A 208 6.47 16.74 1.61
CA GLN A 208 6.25 15.60 0.73
C GLN A 208 5.69 16.06 -0.60
N ASP A 209 4.82 17.09 -0.59
CA ASP A 209 4.31 17.64 -1.85
C ASP A 209 5.45 18.16 -2.73
N ASN A 210 6.41 18.89 -2.16
CA ASN A 210 7.56 19.32 -2.97
C ASN A 210 8.34 18.11 -3.51
N LEU A 211 8.55 17.10 -2.66
CA LEU A 211 9.31 15.93 -3.07
C LEU A 211 8.56 15.16 -4.16
N LEU A 212 7.24 15.06 -4.05
CA LEU A 212 6.47 14.36 -5.09
C LEU A 212 6.55 15.11 -6.41
N GLN A 213 6.46 16.45 -6.38
CA GLN A 213 6.67 17.23 -7.59
C GLN A 213 8.05 16.98 -8.18
N ALA A 214 9.07 16.95 -7.33
CA ALA A 214 10.41 16.74 -7.84
C ALA A 214 10.56 15.33 -8.40
N LEU A 215 9.94 14.35 -7.75
CA LEU A 215 10.02 12.97 -8.24
C LEU A 215 9.32 12.84 -9.60
N GLU A 216 8.12 13.42 -9.71
CA GLU A 216 7.35 13.37 -10.95
C GLU A 216 8.15 13.94 -12.12
N LEU A 217 8.70 15.15 -11.95
CA LEU A 217 9.49 15.76 -13.01
C LEU A 217 10.75 14.94 -13.29
N GLN A 218 11.38 14.43 -12.23
CA GLN A 218 12.60 13.63 -12.37
C GLN A 218 12.35 12.43 -13.27
N LEU A 219 11.24 11.73 -13.03
CA LEU A 219 10.92 10.52 -13.78
C LEU A 219 10.54 10.83 -15.23
N LYS A 220 9.88 11.96 -15.48
CA LYS A 220 9.53 12.33 -16.85
C LYS A 220 10.79 12.68 -17.66
N LEU A 221 11.74 13.38 -17.05
CA LEU A 221 12.98 13.74 -17.75
C LEU A 221 13.95 12.56 -17.87
N ASN A 222 13.98 11.67 -16.88
CA ASN A 222 14.95 10.58 -16.87
C ASN A 222 14.40 9.30 -17.51
N HIS A 223 13.07 9.18 -17.64
CA HIS A 223 12.45 8.01 -18.26
C HIS A 223 11.28 8.46 -19.13
N PRO A 224 11.54 9.26 -20.16
CA PRO A 224 10.42 9.84 -20.95
C PRO A 224 9.61 8.81 -21.70
N GLU A 225 10.18 7.65 -22.01
CA GLU A 225 9.43 6.61 -22.71
C GLU A 225 8.68 5.67 -21.76
N SER A 226 8.91 5.80 -20.45
CA SER A 226 8.35 4.92 -19.43
C SER A 226 7.04 5.53 -18.95
N SER A 227 5.98 5.23 -19.69
CA SER A 227 4.69 5.87 -19.47
C SER A 227 4.18 5.61 -18.05
N GLN A 228 3.75 6.69 -17.39
CA GLN A 228 3.13 6.60 -16.07
C GLN A 228 4.03 5.89 -15.06
N LEU A 229 5.34 6.07 -15.19
CA LEU A 229 6.25 5.47 -14.22
C LEU A 229 6.05 6.07 -12.82
N PHE A 230 5.70 7.35 -12.74
CA PHE A 230 5.40 7.99 -11.44
C PHE A 230 4.30 7.22 -10.70
N ALA A 231 3.15 7.04 -11.37
CA ALA A 231 2.04 6.29 -10.79
C ALA A 231 2.47 4.89 -10.34
N LYS A 232 3.25 4.19 -11.18
CA LYS A 232 3.62 2.81 -10.87
C LYS A 232 4.55 2.73 -9.66
N LEU A 233 5.46 3.68 -9.53
CA LEU A 233 6.33 3.74 -8.37
C LEU A 233 5.52 4.03 -7.10
N LEU A 234 4.51 4.89 -7.19
CA LEU A 234 3.66 5.17 -6.04
C LEU A 234 2.88 3.92 -5.64
N GLN A 235 2.44 3.14 -6.63
CA GLN A 235 1.76 1.88 -6.33
C GLN A 235 2.67 0.91 -5.58
N LYS A 236 3.99 1.01 -5.76
CA LYS A 236 4.90 0.13 -5.03
C LYS A 236 4.91 0.46 -3.55
N MET A 237 4.52 1.69 -3.16
CA MET A 237 4.41 2.00 -1.74
C MET A 237 3.37 1.12 -1.07
N THR A 238 2.42 0.56 -1.84
CA THR A 238 1.52 -0.45 -1.30
C THR A 238 2.26 -1.75 -1.02
N ASP A 239 3.05 -2.22 -1.99
CA ASP A 239 3.84 -3.42 -1.76
C ASP A 239 4.73 -3.26 -0.54
N LEU A 240 5.34 -2.08 -0.38
CA LEU A 240 6.26 -1.87 0.73
C LEU A 240 5.55 -1.98 2.07
N ARG A 241 4.44 -1.25 2.23
CA ARG A 241 3.69 -1.35 3.47
C ARG A 241 3.22 -2.78 3.72
N GLN A 242 2.76 -3.48 2.68
CA GLN A 242 2.26 -4.84 2.90
C GLN A 242 3.37 -5.75 3.38
N ILE A 243 4.54 -5.70 2.74
CA ILE A 243 5.61 -6.62 3.11
C ILE A 243 6.21 -6.26 4.47
N VAL A 244 6.29 -4.96 4.80
CA VAL A 244 6.76 -4.60 6.14
C VAL A 244 5.87 -5.20 7.22
N THR A 245 4.53 -5.16 7.03
CA THR A 245 3.63 -5.76 8.01
C THR A 245 3.81 -7.28 8.09
N GLU A 246 3.96 -7.95 6.93
CA GLU A 246 4.28 -9.38 6.94
C GLU A 246 5.59 -9.64 7.67
N HIS A 247 6.59 -8.80 7.41
CA HIS A 247 7.89 -8.93 8.05
C HIS A 247 7.75 -8.95 9.57
N VAL A 248 6.99 -8.01 10.13
CA VAL A 248 6.81 -7.92 11.57
C VAL A 248 6.19 -9.20 12.13
N GLN A 249 5.19 -9.74 11.45
CA GLN A 249 4.57 -10.99 11.90
C GLN A 249 5.53 -12.17 11.79
N LEU A 250 6.45 -12.16 10.84
CA LEU A 250 7.41 -13.26 10.76
C LEU A 250 8.41 -13.18 11.93
N LEU A 251 8.85 -11.98 12.29
CA LEU A 251 9.76 -11.84 13.43
C LEU A 251 9.14 -12.37 14.72
N GLN A 252 7.91 -11.95 15.03
CA GLN A 252 7.27 -12.40 16.26
C GLN A 252 7.24 -13.92 16.35
N VAL A 253 6.90 -14.59 15.24
CA VAL A 253 6.88 -16.04 15.20
C VAL A 253 8.26 -16.61 15.50
N ILE A 254 9.30 -16.00 14.91
CA ILE A 254 10.66 -16.45 15.21
C ILE A 254 10.97 -16.23 16.69
N LYS A 255 10.54 -15.08 17.23
CA LYS A 255 10.87 -14.72 18.60
C LYS A 255 10.27 -15.69 19.61
N LYS A 256 9.00 -16.08 19.41
CA LYS A 256 8.32 -16.96 20.35
C LYS A 256 8.71 -18.42 20.22
N THR A 257 9.24 -18.82 19.07
CA THR A 257 9.57 -20.21 18.77
C THR A 257 11.02 -20.58 19.09
N GLU A 258 11.97 -19.69 18.80
CA GLU A 258 13.39 -20.02 18.76
C GLU A 258 14.09 -19.69 20.08
N THR A 259 14.51 -20.74 20.78
CA THR A 259 15.22 -20.63 22.05
C THR A 259 16.72 -20.37 21.89
N ASP A 260 17.26 -20.44 20.67
CA ASP A 260 18.70 -20.31 20.45
C ASP A 260 19.09 -18.93 19.91
N MET A 261 18.30 -17.89 20.19
CA MET A 261 18.52 -16.56 19.61
C MET A 261 19.15 -15.59 20.60
N SER A 262 19.79 -16.07 21.65
CA SER A 262 20.16 -15.15 22.72
C SER A 262 21.55 -14.58 22.43
N LEU A 263 21.64 -13.26 22.47
CA LEU A 263 22.85 -12.47 22.37
C LEU A 263 23.19 -11.88 23.72
N HIS A 264 24.36 -11.27 23.80
CA HIS A 264 24.70 -10.48 24.97
C HIS A 264 23.60 -9.42 25.16
N PRO A 265 23.12 -9.21 26.40
CA PRO A 265 22.02 -8.24 26.62
C PRO A 265 22.30 -6.85 26.07
N LEU A 266 23.54 -6.39 26.17
CA LEU A 266 23.92 -5.14 25.53
C LEU A 266 23.71 -5.21 24.02
N LEU A 267 24.03 -6.36 23.40
CA LEU A 267 23.73 -6.53 21.97
C LEU A 267 22.24 -6.49 21.73
N GLN A 268 21.46 -7.17 22.59
CA GLN A 268 20.02 -7.17 22.38
C GLN A 268 19.46 -5.76 22.45
N GLU A 269 19.99 -4.92 23.35
CA GLU A 269 19.55 -3.53 23.38
C GLU A 269 19.90 -2.81 22.10
N ILE A 270 21.15 -2.95 21.62
CA ILE A 270 21.56 -2.22 20.43
C ILE A 270 20.69 -2.61 19.27
N TYR A 271 20.58 -3.91 19.03
CA TYR A 271 19.89 -4.47 17.87
C TYR A 271 18.44 -4.80 18.16
N LYS A 272 17.83 -4.10 19.13
CA LYS A 272 16.44 -4.32 19.51
C LYS A 272 15.55 -4.12 18.30
N MET B 4 -1.90 8.49 -25.10
CA MET B 4 -3.21 8.98 -25.55
C MET B 4 -3.26 10.50 -25.55
N GLU B 5 -3.93 11.08 -26.55
CA GLU B 5 -4.08 12.53 -26.66
C GLU B 5 -5.12 13.06 -25.68
N SER B 6 -4.99 14.35 -25.37
CA SER B 6 -5.82 15.00 -24.35
C SER B 6 -7.31 14.81 -24.62
N ALA B 7 -7.74 14.96 -25.87
CA ALA B 7 -9.17 14.82 -26.17
C ALA B 7 -9.64 13.39 -26.02
N ASP B 8 -8.74 12.43 -26.27
CA ASP B 8 -9.09 11.02 -26.08
C ASP B 8 -9.20 10.68 -24.59
N LEU B 9 -8.33 11.30 -23.76
CA LEU B 9 -8.43 11.11 -22.32
C LEU B 9 -9.71 11.70 -21.76
N ARG B 10 -10.12 12.86 -22.25
CA ARG B 10 -11.39 13.43 -21.80
C ARG B 10 -12.56 12.57 -22.25
N ALA B 11 -12.46 11.95 -23.43
CA ALA B 11 -13.50 11.04 -23.89
C ALA B 11 -13.63 9.82 -22.99
N LEU B 12 -12.48 9.27 -22.56
CA LEU B 12 -12.51 8.10 -21.69
C LEU B 12 -13.10 8.43 -20.31
N ALA B 13 -12.80 9.61 -19.78
CA ALA B 13 -13.37 10.03 -18.50
C ALA B 13 -14.89 10.16 -18.60
N LYS B 14 -15.37 10.83 -19.65
CA LYS B 14 -16.80 10.97 -19.83
C LYS B 14 -17.46 9.60 -19.99
N HIS B 15 -16.82 8.71 -20.76
CA HIS B 15 -17.32 7.35 -20.90
C HIS B 15 -17.48 6.69 -19.54
N LEU B 16 -16.42 6.71 -18.74
CA LEU B 16 -16.44 6.01 -17.46
C LEU B 16 -17.45 6.63 -16.51
N TYR B 17 -17.54 7.97 -16.46
CA TYR B 17 -18.53 8.62 -15.60
C TYR B 17 -19.93 8.22 -16.00
N ASP B 18 -20.20 8.20 -17.32
CA ASP B 18 -21.51 7.78 -17.84
C ASP B 18 -21.88 6.37 -17.35
N SER B 19 -20.95 5.42 -17.43
CA SER B 19 -21.24 4.05 -17.01
C SER B 19 -21.41 3.95 -15.51
N TYR B 20 -20.62 4.71 -14.78
CA TYR B 20 -20.72 4.73 -13.32
C TYR B 20 -22.12 5.19 -12.90
N ILE B 21 -22.65 6.23 -13.55
CA ILE B 21 -24.02 6.66 -13.24
C ILE B 21 -25.00 5.54 -13.57
N LYS B 22 -24.79 4.88 -14.71
CA LYS B 22 -25.72 3.82 -15.08
C LYS B 22 -25.58 2.61 -14.16
N SER B 23 -24.39 2.34 -13.65
CA SER B 23 -24.18 1.13 -12.86
C SER B 23 -24.53 1.26 -11.37
N PHE B 24 -24.36 2.44 -10.76
CA PHE B 24 -24.46 2.51 -9.29
C PHE B 24 -25.66 3.35 -8.90
N PRO B 25 -26.67 2.79 -8.24
CA PRO B 25 -27.91 3.58 -8.00
C PRO B 25 -27.70 4.75 -7.05
N LEU B 26 -26.86 4.63 -6.02
CA LEU B 26 -26.68 5.70 -5.05
C LEU B 26 -25.31 6.32 -5.26
N THR B 27 -25.28 7.52 -5.84
CA THR B 27 -24.01 8.20 -6.10
C THR B 27 -23.56 9.02 -4.88
N LYS B 28 -22.30 9.46 -4.95
CA LYS B 28 -21.79 10.35 -3.92
C LYS B 28 -22.57 11.66 -3.88
N ALA B 29 -22.84 12.24 -5.06
CA ALA B 29 -23.63 13.48 -5.13
C ALA B 29 -24.97 13.33 -4.40
N LYS B 30 -25.69 12.24 -4.65
CA LYS B 30 -26.96 12.06 -3.93
C LYS B 30 -26.72 11.81 -2.44
N ALA B 31 -25.71 11.02 -2.11
CA ALA B 31 -25.42 10.72 -0.72
C ALA B 31 -25.12 12.00 0.07
N ARG B 32 -24.33 12.93 -0.50
CA ARG B 32 -24.01 14.18 0.19
C ARG B 32 -25.26 15.06 0.34
N ALA B 33 -26.14 15.08 -0.65
CA ALA B 33 -27.36 15.88 -0.52
C ALA B 33 -28.22 15.36 0.62
N ILE B 34 -28.29 14.04 0.78
CA ILE B 34 -29.02 13.45 1.90
C ILE B 34 -28.32 13.78 3.21
N LEU B 35 -26.99 13.63 3.27
CA LEU B 35 -26.27 13.82 4.53
C LEU B 35 -26.27 15.28 4.99
N THR B 36 -25.98 16.22 4.08
CA THR B 36 -25.92 17.60 4.49
C THR B 36 -27.29 18.15 4.82
N GLY B 37 -28.33 17.50 4.33
CA GLY B 37 -29.68 17.88 4.70
C GLY B 37 -30.14 19.11 3.98
N LYS B 38 -30.71 20.03 4.74
CA LYS B 38 -31.33 21.26 4.25
C LYS B 38 -32.50 20.98 3.33
N THR B 39 -32.92 19.73 3.23
CA THR B 39 -34.05 19.32 2.38
C THR B 39 -35.07 18.61 3.24
N THR B 40 -36.33 18.62 2.80
CA THR B 40 -37.40 17.92 3.51
C THR B 40 -37.82 16.61 2.85
N ASP B 41 -37.42 16.35 1.59
CA ASP B 41 -37.92 15.18 0.87
C ASP B 41 -36.97 13.98 0.90
N LYS B 42 -35.72 14.15 1.33
CA LYS B 42 -34.75 13.06 1.35
C LYS B 42 -34.13 12.85 2.73
N SER B 43 -34.82 13.27 3.80
CA SER B 43 -34.31 13.06 5.17
C SER B 43 -34.30 11.58 5.53
N PRO B 44 -33.19 11.03 6.00
CA PRO B 44 -33.18 9.62 6.43
C PRO B 44 -33.76 9.43 7.82
N PHE B 45 -34.30 8.24 8.06
CA PHE B 45 -34.61 7.81 9.42
C PHE B 45 -33.32 7.40 10.11
N VAL B 46 -33.11 7.83 11.36
CA VAL B 46 -31.82 7.64 12.02
C VAL B 46 -31.93 6.50 13.03
N ILE B 47 -31.07 5.50 12.87
CA ILE B 47 -31.01 4.32 13.74
C ILE B 47 -29.80 4.50 14.66
N TYR B 48 -30.06 4.71 15.94
CA TYR B 48 -29.00 4.99 16.90
C TYR B 48 -29.02 4.05 18.10
N ASP B 49 -29.99 3.16 18.21
CA ASP B 49 -30.11 2.24 19.34
C ASP B 49 -31.13 1.18 18.94
N MET B 50 -31.44 0.30 19.90
CA MET B 50 -32.33 -0.83 19.61
C MET B 50 -33.72 -0.37 19.22
N ASN B 51 -34.28 0.57 19.97
CA ASN B 51 -35.64 0.98 19.72
C ASN B 51 -35.76 1.67 18.36
N SER B 52 -34.82 2.56 18.03
CA SER B 52 -34.88 3.18 16.72
C SER B 52 -34.67 2.15 15.59
N LEU B 53 -33.88 1.11 15.83
CA LEU B 53 -33.76 0.04 14.84
C LEU B 53 -35.12 -0.64 14.61
N MET B 54 -35.78 -1.02 15.71
CA MET B 54 -37.08 -1.69 15.61
C MET B 54 -38.10 -0.83 14.87
N MET B 55 -38.13 0.47 15.18
CA MET B 55 -39.02 1.37 14.46
C MET B 55 -38.56 1.55 13.02
N GLY B 56 -37.24 1.54 12.80
CA GLY B 56 -36.71 1.69 11.45
C GLY B 56 -37.18 0.60 10.51
N GLU B 57 -37.32 -0.63 11.03
CA GLU B 57 -37.75 -1.74 10.19
C GLU B 57 -39.17 -1.53 9.66
N ASP B 58 -40.03 -0.88 10.45
CA ASP B 58 -41.39 -0.59 9.99
C ASP B 58 -41.42 0.59 9.04
N LYS B 59 -40.54 1.59 9.25
CA LYS B 59 -40.53 2.79 8.44
C LYS B 59 -39.79 2.59 7.12
N ILE B 60 -38.60 2.00 7.17
CA ILE B 60 -37.91 1.66 5.92
C ILE B 60 -38.30 0.23 5.53
N SER B 72 -36.05 -11.66 14.27
CA SER B 72 -35.62 -13.04 14.03
C SER B 72 -34.55 -13.47 15.03
N LYS B 73 -33.44 -12.73 15.04
CA LYS B 73 -32.20 -13.16 15.66
C LYS B 73 -31.55 -11.96 16.35
N GLU B 74 -30.34 -12.17 16.87
CA GLU B 74 -29.64 -11.13 17.63
C GLU B 74 -29.33 -9.94 16.73
N VAL B 75 -29.36 -8.73 17.31
CA VAL B 75 -29.27 -7.52 16.52
C VAL B 75 -27.94 -7.46 15.77
N ALA B 76 -26.84 -7.74 16.46
CA ALA B 76 -25.53 -7.67 15.82
C ALA B 76 -25.44 -8.63 14.64
N ILE B 77 -26.08 -9.81 14.76
CA ILE B 77 -26.12 -10.75 13.65
C ILE B 77 -26.97 -10.21 12.51
N ARG B 78 -28.15 -9.66 12.84
CA ARG B 78 -29.02 -9.11 11.80
C ARG B 78 -28.36 -7.98 11.05
N ILE B 79 -27.67 -7.09 11.76
CA ILE B 79 -26.95 -5.99 11.12
C ILE B 79 -25.82 -6.54 10.24
N PHE B 80 -25.01 -7.45 10.78
CA PHE B 80 -23.93 -8.01 9.98
C PHE B 80 -24.49 -8.63 8.71
N GLN B 81 -25.57 -9.41 8.84
CA GLN B 81 -26.21 -10.00 7.67
C GLN B 81 -26.69 -8.92 6.71
N GLY B 82 -27.21 -7.82 7.25
CA GLY B 82 -27.58 -6.70 6.39
C GLY B 82 -26.40 -6.20 5.56
N CYS B 83 -25.23 -6.05 6.17
CA CYS B 83 -24.04 -5.62 5.44
C CYS B 83 -23.62 -6.63 4.38
N GLN B 84 -23.66 -7.93 4.71
CA GLN B 84 -23.23 -8.94 3.74
C GLN B 84 -24.16 -8.95 2.54
N PHE B 85 -25.46 -8.79 2.78
CA PHE B 85 -26.42 -8.79 1.69
C PHE B 85 -26.18 -7.60 0.75
N ARG B 86 -25.89 -6.43 1.32
CA ARG B 86 -25.62 -5.27 0.49
C ARG B 86 -24.27 -5.36 -0.23
N SER B 87 -23.29 -6.02 0.40
CA SER B 87 -22.01 -6.23 -0.25
C SER B 87 -22.16 -7.09 -1.51
N VAL B 88 -23.03 -8.09 -1.45
CA VAL B 88 -23.31 -8.94 -2.62
C VAL B 88 -23.90 -8.11 -3.75
N GLU B 89 -24.88 -7.26 -3.42
CA GLU B 89 -25.42 -6.32 -4.40
C GLU B 89 -24.33 -5.43 -4.95
N ALA B 90 -23.42 -4.98 -4.08
CA ALA B 90 -22.36 -4.12 -4.56
C ALA B 90 -21.45 -4.86 -5.53
N VAL B 91 -21.13 -6.13 -5.23
CA VAL B 91 -20.33 -6.92 -6.16
C VAL B 91 -21.01 -6.99 -7.52
N GLN B 92 -22.34 -7.14 -7.51
CA GLN B 92 -23.10 -7.17 -8.76
C GLN B 92 -22.98 -5.87 -9.51
N GLU B 93 -23.09 -4.72 -8.81
CA GLU B 93 -22.97 -3.43 -9.49
C GLU B 93 -21.54 -3.19 -9.99
N ILE B 94 -20.54 -3.54 -9.18
CA ILE B 94 -19.16 -3.37 -9.60
C ILE B 94 -18.85 -4.24 -10.82
N THR B 95 -19.33 -5.49 -10.82
CA THR B 95 -19.09 -6.34 -11.99
C THR B 95 -19.68 -5.72 -13.25
N GLU B 96 -20.86 -5.13 -13.15
CA GLU B 96 -21.50 -4.52 -14.31
C GLU B 96 -20.71 -3.33 -14.82
N TYR B 97 -20.24 -2.47 -13.92
CA TYR B 97 -19.38 -1.34 -14.30
C TYR B 97 -18.09 -1.82 -14.96
N ALA B 98 -17.46 -2.85 -14.39
CA ALA B 98 -16.20 -3.34 -14.92
C ALA B 98 -16.33 -3.76 -16.38
N LYS B 99 -17.47 -4.35 -16.74
CA LYS B 99 -17.67 -4.77 -18.13
C LYS B 99 -17.62 -3.58 -19.08
N SER B 100 -17.92 -2.38 -18.59
CA SER B 100 -17.90 -1.18 -19.42
C SER B 100 -16.50 -0.60 -19.59
N ILE B 101 -15.53 -0.98 -18.77
CA ILE B 101 -14.20 -0.38 -18.91
C ILE B 101 -13.57 -0.85 -20.22
N PRO B 102 -13.26 0.05 -21.16
CA PRO B 102 -12.74 -0.38 -22.47
C PRO B 102 -11.58 -1.34 -22.32
N GLY B 103 -11.69 -2.51 -22.93
CA GLY B 103 -10.64 -3.51 -22.90
C GLY B 103 -10.87 -4.61 -21.90
N PHE B 104 -11.70 -4.37 -20.86
CA PHE B 104 -11.82 -5.37 -19.79
C PHE B 104 -12.39 -6.69 -20.31
N VAL B 105 -13.53 -6.64 -21.01
CA VAL B 105 -14.15 -7.89 -21.46
C VAL B 105 -13.33 -8.62 -22.50
N ASN B 106 -12.36 -7.95 -23.14
CA ASN B 106 -11.53 -8.60 -24.16
C ASN B 106 -10.37 -9.38 -23.55
N LEU B 107 -10.14 -9.23 -22.26
CA LEU B 107 -9.07 -9.92 -21.57
C LEU B 107 -9.38 -11.40 -21.43
N ASP B 108 -8.33 -12.19 -21.24
CA ASP B 108 -8.49 -13.59 -20.87
C ASP B 108 -9.50 -13.72 -19.73
N LEU B 109 -10.38 -14.73 -19.85
CA LEU B 109 -11.52 -14.83 -18.95
C LEU B 109 -11.08 -15.10 -17.51
N ASN B 110 -10.06 -15.92 -17.32
CA ASN B 110 -9.55 -16.18 -15.98
C ASN B 110 -9.00 -14.91 -15.34
N ASP B 111 -8.42 -14.03 -16.15
CA ASP B 111 -7.92 -12.77 -15.63
C ASP B 111 -9.09 -11.84 -15.22
N GLN B 112 -10.19 -11.86 -15.98
CA GLN B 112 -11.37 -11.09 -15.60
C GLN B 112 -11.84 -11.51 -14.22
N VAL B 113 -11.94 -12.81 -13.97
CA VAL B 113 -12.32 -13.32 -12.66
C VAL B 113 -11.32 -12.86 -11.60
N THR B 114 -10.03 -13.04 -11.88
CA THR B 114 -8.99 -12.66 -10.93
C THR B 114 -9.04 -11.16 -10.59
N LEU B 115 -9.15 -10.31 -11.61
CA LEU B 115 -9.21 -8.87 -11.33
C LEU B 115 -10.40 -8.51 -10.45
N LEU B 116 -11.56 -9.13 -10.71
CA LEU B 116 -12.74 -8.86 -9.89
C LEU B 116 -12.59 -9.44 -8.49
N LYS B 117 -12.02 -10.64 -8.38
CA LYS B 117 -11.86 -11.30 -7.08
C LYS B 117 -11.14 -10.40 -6.09
N TYR B 118 -10.02 -9.81 -6.50
CA TYR B 118 -9.22 -9.00 -5.62
C TYR B 118 -9.59 -7.53 -5.65
N GLY B 119 -10.42 -7.11 -6.61
CA GLY B 119 -10.71 -5.70 -6.72
C GLY B 119 -12.01 -5.25 -6.07
N VAL B 120 -13.01 -6.15 -5.96
CA VAL B 120 -14.34 -5.71 -5.54
C VAL B 120 -14.31 -5.12 -4.13
N HIS B 121 -13.55 -5.71 -3.22
CA HIS B 121 -13.56 -5.22 -1.83
C HIS B 121 -12.94 -3.85 -1.71
N GLU B 122 -11.84 -3.60 -2.42
CA GLU B 122 -11.21 -2.29 -2.40
C GLU B 122 -12.16 -1.23 -2.94
N ILE B 123 -12.99 -1.60 -3.91
CA ILE B 123 -13.97 -0.67 -4.47
C ILE B 123 -15.14 -0.48 -3.51
N ILE B 124 -15.57 -1.56 -2.83
CA ILE B 124 -16.67 -1.43 -1.86
C ILE B 124 -16.29 -0.41 -0.77
N TYR B 125 -15.09 -0.55 -0.21
CA TYR B 125 -14.60 0.39 0.81
C TYR B 125 -14.50 1.81 0.27
N THR B 126 -14.00 1.95 -0.96
CA THR B 126 -13.90 3.27 -1.57
C THR B 126 -15.27 3.93 -1.67
N MET B 127 -16.22 3.19 -2.22
CA MET B 127 -17.54 3.73 -2.48
C MET B 127 -18.39 3.79 -1.22
N LEU B 128 -18.12 2.94 -0.23
CA LEU B 128 -18.79 3.06 1.06
C LEU B 128 -18.47 4.39 1.73
N ALA B 129 -17.26 4.92 1.52
CA ALA B 129 -16.91 6.22 2.09
C ALA B 129 -17.87 7.32 1.62
N SER B 130 -18.34 7.22 0.37
CA SER B 130 -19.29 8.19 -0.16
C SER B 130 -20.53 8.29 0.70
N LEU B 131 -20.87 7.20 1.40
CA LEU B 131 -22.09 7.11 2.20
C LEU B 131 -21.85 7.43 3.65
N MET B 132 -20.65 7.88 3.99
CA MET B 132 -20.22 8.03 5.37
C MET B 132 -19.88 9.49 5.69
N ASN B 133 -20.15 9.88 6.94
CA ASN B 133 -19.48 11.04 7.52
C ASN B 133 -18.93 10.60 8.87
N LYS B 134 -18.42 11.52 9.69
CA LYS B 134 -17.81 11.04 10.92
C LYS B 134 -18.84 10.42 11.88
N ASP B 135 -20.15 10.67 11.67
CA ASP B 135 -21.18 10.26 12.61
C ASP B 135 -21.96 9.01 12.23
N GLY B 136 -21.93 8.57 10.97
CA GLY B 136 -22.66 7.38 10.59
C GLY B 136 -22.61 7.13 9.09
N VAL B 137 -23.46 6.19 8.65
CA VAL B 137 -23.45 5.69 7.27
C VAL B 137 -24.90 5.54 6.78
N LEU B 138 -25.15 5.96 5.54
CA LEU B 138 -26.44 5.78 4.90
C LEU B 138 -26.67 4.30 4.60
N ILE B 139 -27.93 3.87 4.74
CA ILE B 139 -28.33 2.52 4.42
C ILE B 139 -29.62 2.58 3.65
N SER B 140 -30.01 1.44 3.08
CA SER B 140 -31.27 1.26 2.36
C SER B 140 -31.49 2.36 1.31
N GLU B 141 -30.51 2.47 0.40
CA GLU B 141 -30.54 3.46 -0.68
C GLU B 141 -30.73 4.87 -0.14
N GLY B 142 -30.08 5.17 0.99
CA GLY B 142 -30.13 6.47 1.60
C GLY B 142 -31.38 6.78 2.41
N GLN B 143 -32.33 5.85 2.52
CA GLN B 143 -33.51 6.09 3.32
C GLN B 143 -33.22 6.05 4.82
N GLY B 144 -32.14 5.39 5.22
CA GLY B 144 -31.80 5.26 6.62
C GLY B 144 -30.39 5.75 6.88
N PHE B 145 -30.09 5.96 8.15
CA PHE B 145 -28.78 6.41 8.58
C PHE B 145 -28.50 5.71 9.89
N MET B 146 -27.47 4.89 9.93
CA MET B 146 -27.07 4.18 11.13
C MET B 146 -25.83 4.83 11.70
N THR B 147 -25.89 5.23 12.98
CA THR B 147 -24.81 6.01 13.55
C THR B 147 -23.57 5.15 13.78
N ARG B 148 -22.41 5.81 13.73
CA ARG B 148 -21.13 5.15 14.01
C ARG B 148 -21.09 4.59 15.43
N GLU B 149 -21.64 5.34 16.40
CA GLU B 149 -21.62 4.87 17.78
C GLU B 149 -22.41 3.60 17.95
N PHE B 150 -23.56 3.51 17.30
CA PHE B 150 -24.38 2.30 17.42
C PHE B 150 -23.65 1.08 16.87
N LEU B 151 -23.01 1.23 15.71
CA LEU B 151 -22.26 0.13 15.14
C LEU B 151 -21.10 -0.27 16.06
N LYS B 152 -20.37 0.71 16.59
CA LYS B 152 -19.26 0.43 17.50
C LYS B 152 -19.71 -0.28 18.77
N SER B 153 -20.97 -0.10 19.18
CA SER B 153 -21.45 -0.66 20.44
C SER B 153 -21.97 -2.10 20.32
N LEU B 154 -21.92 -2.69 19.13
CA LEU B 154 -22.32 -4.09 18.98
C LEU B 154 -21.36 -5.01 19.75
N ARG B 155 -21.89 -6.14 20.19
CA ARG B 155 -21.12 -7.05 21.04
C ARG B 155 -20.06 -7.81 20.24
N LYS B 156 -19.27 -8.61 20.98
CA LYS B 156 -18.36 -9.62 20.43
C LYS B 156 -17.29 -8.99 19.56
N PRO B 157 -17.06 -9.52 18.35
CA PRO B 157 -16.16 -8.86 17.39
C PRO B 157 -16.86 -7.87 16.47
N PHE B 158 -18.19 -7.84 16.48
CA PHE B 158 -18.94 -7.05 15.51
C PHE B 158 -18.75 -5.56 15.74
N GLY B 159 -18.61 -5.13 17.00
CA GLY B 159 -18.38 -3.72 17.27
C GLY B 159 -17.11 -3.18 16.65
N ASP B 160 -15.99 -3.86 16.86
CA ASP B 160 -14.72 -3.43 16.27
C ASP B 160 -14.67 -3.73 14.78
N PHE B 161 -15.62 -4.48 14.27
CA PHE B 161 -15.69 -4.81 12.86
C PHE B 161 -16.06 -3.59 12.02
N MET B 162 -16.85 -2.69 12.57
CA MET B 162 -17.44 -1.56 11.88
C MET B 162 -16.52 -0.33 11.82
N GLU B 163 -15.84 -0.04 12.93
CA GLU B 163 -15.08 1.20 13.08
C GLU B 163 -13.97 1.45 12.07
N PRO B 164 -13.13 0.48 11.69
CA PRO B 164 -12.06 0.77 10.70
C PRO B 164 -12.55 1.37 9.39
N LYS B 165 -13.77 1.04 8.96
CA LYS B 165 -14.32 1.62 7.74
C LYS B 165 -14.47 3.13 7.89
N PHE B 166 -15.07 3.56 9.01
CA PHE B 166 -15.25 4.98 9.27
C PHE B 166 -13.92 5.72 9.30
N GLU B 167 -12.91 5.10 9.90
CA GLU B 167 -11.59 5.74 10.00
C GLU B 167 -11.03 6.05 8.63
N PHE B 168 -11.09 5.08 7.71
CA PHE B 168 -10.64 5.32 6.34
C PHE B 168 -11.47 6.41 5.67
N ALA B 169 -12.79 6.31 5.79
CA ALA B 169 -13.66 7.24 5.07
C ALA B 169 -13.38 8.69 5.46
N VAL B 170 -13.19 8.95 6.76
CA VAL B 170 -12.91 10.32 7.20
C VAL B 170 -11.70 10.88 6.46
N LYS B 171 -10.64 10.09 6.35
CA LYS B 171 -9.45 10.54 5.62
C LYS B 171 -9.71 10.58 4.13
N PHE B 172 -10.35 9.55 3.56
CA PHE B 172 -10.57 9.53 2.11
C PHE B 172 -11.45 10.70 1.68
N ASN B 173 -12.51 10.98 2.45
CA ASN B 173 -13.44 12.05 2.14
C ASN B 173 -12.80 13.43 2.21
N ALA B 174 -11.71 13.57 2.97
CA ALA B 174 -10.97 14.82 2.99
C ALA B 174 -10.38 15.18 1.63
N LEU B 175 -10.25 14.20 0.72
CA LEU B 175 -9.79 14.51 -0.63
C LEU B 175 -10.84 15.25 -1.45
N GLU B 176 -12.12 15.16 -1.05
CA GLU B 176 -13.23 15.85 -1.75
C GLU B 176 -13.36 15.42 -3.21
N LEU B 177 -13.19 14.12 -3.46
CA LEU B 177 -13.47 13.61 -4.80
C LEU B 177 -14.97 13.67 -5.07
N ASP B 178 -15.32 13.83 -6.34
CA ASP B 178 -16.71 13.70 -6.76
C ASP B 178 -16.83 12.44 -7.62
N ASP B 179 -18.05 12.19 -8.08
CA ASP B 179 -18.34 10.92 -8.75
C ASP B 179 -17.52 10.75 -10.03
N SER B 180 -17.35 11.84 -10.79
CA SER B 180 -16.59 11.78 -12.02
C SER B 180 -15.14 11.41 -11.75
N ASP B 181 -14.58 11.85 -10.61
CA ASP B 181 -13.24 11.42 -10.21
C ASP B 181 -13.24 9.94 -9.85
N LEU B 182 -14.22 9.52 -9.04
CA LEU B 182 -14.27 8.17 -8.49
C LEU B 182 -14.46 7.12 -9.59
N ALA B 183 -15.19 7.48 -10.66
CA ALA B 183 -15.39 6.55 -11.76
C ALA B 183 -14.06 6.09 -12.35
N ILE B 184 -13.12 7.02 -12.57
CA ILE B 184 -11.82 6.64 -13.12
C ILE B 184 -10.99 5.90 -12.08
N PHE B 185 -11.00 6.40 -10.84
CA PHE B 185 -10.21 5.80 -9.78
C PHE B 185 -10.62 4.34 -9.58
N ILE B 186 -11.92 4.09 -9.53
CA ILE B 186 -12.43 2.72 -9.39
C ILE B 186 -11.96 1.84 -10.55
N ALA B 187 -11.95 2.37 -11.77
CA ALA B 187 -11.45 1.62 -12.92
C ALA B 187 -9.97 1.29 -12.76
N VAL B 188 -9.18 2.26 -12.27
CA VAL B 188 -7.74 2.03 -12.05
C VAL B 188 -7.53 0.87 -11.09
N ILE B 189 -8.31 0.80 -10.01
CA ILE B 189 -8.19 -0.29 -9.04
C ILE B 189 -8.44 -1.64 -9.70
N ILE B 190 -9.50 -1.75 -10.51
CA ILE B 190 -9.85 -3.06 -11.09
C ILE B 190 -8.74 -3.54 -12.02
N LEU B 191 -8.17 -2.63 -12.82
CA LEU B 191 -7.15 -3.03 -13.82
C LEU B 191 -5.74 -2.99 -13.23
N SER B 192 -5.56 -3.74 -12.14
CA SER B 192 -4.29 -3.81 -11.43
C SER B 192 -3.51 -5.04 -11.87
N GLY B 193 -2.34 -4.80 -12.48
CA GLY B 193 -1.56 -5.92 -12.98
C GLY B 193 -0.85 -6.74 -11.91
N ASP B 194 -0.86 -6.31 -10.65
CA ASP B 194 -0.14 -7.02 -9.61
C ASP B 194 -1.02 -7.98 -8.83
N ARG B 195 -2.22 -8.29 -9.32
CA ARG B 195 -3.05 -9.26 -8.63
C ARG B 195 -2.41 -10.66 -8.73
N PRO B 196 -2.51 -11.46 -7.67
CA PRO B 196 -1.92 -12.81 -7.74
C PRO B 196 -2.66 -13.68 -8.74
N GLY B 197 -1.89 -14.45 -9.50
CA GLY B 197 -2.45 -15.42 -10.41
C GLY B 197 -2.80 -14.91 -11.79
N LEU B 198 -2.51 -13.66 -12.11
CA LEU B 198 -2.81 -13.15 -13.44
C LEU B 198 -1.97 -13.86 -14.50
N LEU B 199 -2.58 -14.14 -15.64
CA LEU B 199 -1.91 -14.86 -16.71
C LEU B 199 -1.24 -13.92 -17.72
N ASN B 200 -1.85 -12.76 -18.00
CA ASN B 200 -1.33 -11.86 -19.03
C ASN B 200 -1.29 -10.48 -18.43
N VAL B 201 -0.19 -10.16 -17.74
CA VAL B 201 -0.14 -8.89 -17.03
C VAL B 201 -0.07 -7.73 -18.02
N LYS B 202 0.60 -7.89 -19.15
CA LYS B 202 0.83 -6.76 -20.05
C LYS B 202 -0.45 -6.11 -20.56
N PRO B 203 -1.41 -6.83 -21.15
CA PRO B 203 -2.61 -6.12 -21.63
C PRO B 203 -3.40 -5.44 -20.52
N ILE B 204 -3.31 -5.92 -19.28
CA ILE B 204 -3.96 -5.26 -18.17
C ILE B 204 -3.27 -3.94 -17.83
N GLU B 205 -1.93 -3.94 -17.78
CA GLU B 205 -1.19 -2.72 -17.45
C GLU B 205 -1.31 -1.67 -18.54
N ASP B 206 -1.44 -2.09 -19.80
CA ASP B 206 -1.67 -1.12 -20.87
C ASP B 206 -2.99 -0.40 -20.69
N ILE B 207 -4.03 -1.12 -20.30
CA ILE B 207 -5.30 -0.45 -20.01
C ILE B 207 -5.15 0.45 -18.79
N GLN B 208 -4.46 -0.02 -17.75
CA GLN B 208 -4.33 0.82 -16.56
C GLN B 208 -3.58 2.11 -16.88
N ASP B 209 -2.59 2.04 -17.79
CA ASP B 209 -1.84 3.24 -18.20
C ASP B 209 -2.77 4.30 -18.79
N ASN B 210 -3.69 3.90 -19.67
CA ASN B 210 -4.67 4.86 -20.19
C ASN B 210 -5.56 5.39 -19.07
N LEU B 211 -6.00 4.51 -18.17
CA LEU B 211 -6.85 4.94 -17.06
C LEU B 211 -6.09 5.89 -16.13
N LEU B 212 -4.81 5.59 -15.86
CA LEU B 212 -4.01 6.47 -15.01
C LEU B 212 -3.79 7.83 -15.68
N GLN B 213 -3.47 7.83 -16.98
CA GLN B 213 -3.41 9.09 -17.72
C GLN B 213 -4.73 9.84 -17.63
N ALA B 214 -5.85 9.13 -17.80
CA ALA B 214 -7.15 9.79 -17.75
C ALA B 214 -7.43 10.33 -16.35
N LEU B 215 -7.08 9.56 -15.31
CA LEU B 215 -7.30 10.06 -13.95
C LEU B 215 -6.48 11.30 -13.70
N GLU B 216 -5.21 11.29 -14.13
CA GLU B 216 -4.30 12.41 -13.91
C GLU B 216 -4.86 13.69 -14.52
N LEU B 217 -5.27 13.62 -15.80
CA LEU B 217 -5.83 14.79 -16.46
C LEU B 217 -7.14 15.22 -15.80
N GLN B 218 -7.98 14.25 -15.42
CA GLN B 218 -9.24 14.56 -14.76
C GLN B 218 -9.02 15.35 -13.46
N LEU B 219 -8.06 14.92 -12.64
CA LEU B 219 -7.86 15.60 -11.37
C LEU B 219 -7.27 17.00 -11.55
N LYS B 220 -6.42 17.19 -12.55
CA LYS B 220 -5.85 18.52 -12.80
C LYS B 220 -6.91 19.51 -13.25
N LEU B 221 -7.85 19.07 -14.09
CA LEU B 221 -8.89 19.97 -14.58
C LEU B 221 -9.97 20.20 -13.52
N ASN B 222 -10.29 19.17 -12.73
CA ASN B 222 -11.40 19.24 -11.80
C ASN B 222 -10.98 19.71 -10.41
N HIS B 223 -9.70 19.64 -10.07
CA HIS B 223 -9.20 20.13 -8.77
C HIS B 223 -7.89 20.87 -8.97
N PRO B 224 -7.92 21.95 -9.75
CA PRO B 224 -6.65 22.60 -10.17
C PRO B 224 -5.84 23.17 -9.02
N GLU B 225 -6.49 23.53 -7.92
CA GLU B 225 -5.79 24.01 -6.73
C GLU B 225 -5.38 22.88 -5.78
N SER B 226 -5.76 21.64 -6.06
CA SER B 226 -5.47 20.52 -5.17
C SER B 226 -4.14 19.92 -5.61
N SER B 227 -3.05 20.49 -5.10
CA SER B 227 -1.70 20.13 -5.51
C SER B 227 -1.40 18.65 -5.25
N GLN B 228 -0.86 17.97 -6.27
CA GLN B 228 -0.47 16.56 -6.15
C GLN B 228 -1.62 15.69 -5.66
N LEU B 229 -2.86 16.04 -6.03
CA LEU B 229 -3.98 15.18 -5.63
C LEU B 229 -3.86 13.80 -6.25
N PHE B 230 -3.32 13.73 -7.46
CA PHE B 230 -3.13 12.44 -8.14
C PHE B 230 -2.29 11.50 -7.27
N ALA B 231 -1.10 11.93 -6.92
CA ALA B 231 -0.24 11.17 -6.02
C ALA B 231 -0.95 10.84 -4.70
N LYS B 232 -1.63 11.82 -4.11
CA LYS B 232 -2.26 11.55 -2.80
C LYS B 232 -3.36 10.50 -2.93
N LEU B 233 -4.12 10.54 -4.03
CA LEU B 233 -5.16 9.53 -4.24
C LEU B 233 -4.56 8.15 -4.42
N LEU B 234 -3.44 8.02 -5.16
CA LEU B 234 -2.81 6.72 -5.34
C LEU B 234 -2.28 6.18 -4.02
N GLN B 235 -1.76 7.06 -3.17
CA GLN B 235 -1.30 6.61 -1.86
C GLN B 235 -2.44 6.04 -1.04
N LYS B 236 -3.70 6.41 -1.35
CA LYS B 236 -4.84 5.84 -0.63
C LYS B 236 -5.06 4.37 -0.97
N MET B 237 -4.57 3.91 -2.13
CA MET B 237 -4.69 2.49 -2.44
C MET B 237 -3.96 1.65 -1.41
N THR B 238 -3.00 2.23 -0.71
CA THR B 238 -2.34 1.56 0.40
C THR B 238 -3.29 1.40 1.60
N ASP B 239 -4.01 2.47 1.96
CA ASP B 239 -4.99 2.33 3.04
C ASP B 239 -6.04 1.27 2.67
N LEU B 240 -6.45 1.24 1.40
CA LEU B 240 -7.45 0.27 0.96
C LEU B 240 -6.95 -1.16 1.11
N ARG B 241 -5.74 -1.43 0.61
CA ARG B 241 -5.18 -2.77 0.72
C ARG B 241 -5.15 -3.24 2.17
N GLN B 242 -4.78 -2.34 3.09
CA GLN B 242 -4.66 -2.72 4.50
C GLN B 242 -6.00 -3.11 5.10
N ILE B 243 -7.06 -2.34 4.82
CA ILE B 243 -8.36 -2.60 5.45
C ILE B 243 -8.98 -3.90 4.95
N VAL B 244 -8.80 -4.22 3.66
CA VAL B 244 -9.27 -5.49 3.15
C VAL B 244 -8.64 -6.64 3.93
N THR B 245 -7.34 -6.51 4.23
CA THR B 245 -6.64 -7.55 5.00
C THR B 245 -7.20 -7.69 6.40
N GLU B 246 -7.41 -6.57 7.11
CA GLU B 246 -8.03 -6.61 8.42
C GLU B 246 -9.40 -7.27 8.35
N HIS B 247 -10.19 -6.87 7.36
CA HIS B 247 -11.54 -7.41 7.21
C HIS B 247 -11.54 -8.94 7.09
N VAL B 248 -10.68 -9.48 6.23
CA VAL B 248 -10.63 -10.92 6.02
C VAL B 248 -10.29 -11.64 7.32
N GLN B 249 -9.34 -11.10 8.09
CA GLN B 249 -9.00 -11.71 9.37
C GLN B 249 -10.15 -11.59 10.37
N LEU B 250 -10.96 -10.53 10.29
CA LEU B 250 -12.11 -10.44 11.19
C LEU B 250 -13.18 -11.46 10.82
N LEU B 251 -13.40 -11.67 9.53
CA LEU B 251 -14.33 -12.70 9.09
C LEU B 251 -13.94 -14.06 9.64
N GLN B 252 -12.67 -14.43 9.50
CA GLN B 252 -12.19 -15.71 9.99
C GLN B 252 -12.52 -15.92 11.46
N VAL B 253 -12.31 -14.90 12.30
CA VAL B 253 -12.68 -15.04 13.70
C VAL B 253 -14.16 -15.32 13.83
N ILE B 254 -14.98 -14.60 13.05
CA ILE B 254 -16.43 -14.82 13.07
C ILE B 254 -16.77 -16.23 12.60
N LYS B 255 -16.08 -16.71 11.56
CA LYS B 255 -16.37 -18.05 11.04
C LYS B 255 -16.12 -19.12 12.09
N LYS B 256 -15.01 -19.02 12.84
CA LYS B 256 -14.71 -20.01 13.87
C LYS B 256 -15.54 -19.81 15.13
N THR B 257 -16.10 -18.62 15.33
CA THR B 257 -16.91 -18.37 16.53
C THR B 257 -18.38 -18.62 16.26
N GLU B 258 -18.91 -18.13 15.13
CA GLU B 258 -20.33 -18.21 14.83
C GLU B 258 -20.45 -19.34 13.81
N THR B 259 -20.64 -20.58 14.30
CA THR B 259 -20.67 -21.70 13.36
C THR B 259 -22.01 -21.86 12.65
N ASP B 260 -23.03 -21.12 13.08
CA ASP B 260 -24.36 -21.23 12.50
C ASP B 260 -24.66 -20.07 11.55
N MET B 261 -23.64 -19.32 11.12
CA MET B 261 -23.81 -18.14 10.28
C MET B 261 -23.20 -18.36 8.91
N SER B 262 -24.01 -18.24 7.87
CA SER B 262 -23.63 -18.54 6.50
C SER B 262 -23.30 -17.26 5.72
N LEU B 263 -22.31 -17.34 4.83
CA LEU B 263 -22.05 -16.24 3.91
C LEU B 263 -22.68 -16.55 2.56
N HIS B 264 -22.97 -15.49 1.81
CA HIS B 264 -23.46 -15.65 0.44
C HIS B 264 -22.39 -16.36 -0.40
N PRO B 265 -22.79 -17.29 -1.28
CA PRO B 265 -21.79 -18.02 -2.08
C PRO B 265 -20.84 -17.13 -2.87
N LEU B 266 -21.36 -16.05 -3.46
CA LEU B 266 -20.52 -15.12 -4.20
C LEU B 266 -19.43 -14.52 -3.33
N LEU B 267 -19.78 -14.12 -2.10
CA LEU B 267 -18.80 -13.55 -1.19
C LEU B 267 -17.78 -14.59 -0.75
N GLN B 268 -18.23 -15.80 -0.43
CA GLN B 268 -17.31 -16.84 0.01
C GLN B 268 -16.32 -17.19 -1.09
N GLU B 269 -16.77 -17.22 -2.34
CA GLU B 269 -15.86 -17.45 -3.45
C GLU B 269 -14.78 -16.37 -3.51
N ILE B 270 -15.18 -15.11 -3.34
CA ILE B 270 -14.24 -14.00 -3.41
C ILE B 270 -13.13 -14.14 -2.37
N TYR B 271 -13.47 -14.51 -1.12
CA TYR B 271 -12.45 -14.49 -0.06
C TYR B 271 -11.55 -15.72 -0.06
N LYS B 272 -11.98 -16.83 -0.67
CA LYS B 272 -11.16 -18.03 -0.68
C LYS B 272 -9.83 -17.74 -1.36
N ASP B 273 -8.75 -17.81 -0.57
CA ASP B 273 -7.38 -17.53 -1.02
C ASP B 273 -7.19 -16.08 -1.44
N1 A1IP7 C . 17.93 -6.95 5.75
C2 A1IP7 C . 21.54 -4.08 3.55
C3 A1IP7 C . 20.24 -3.79 3.89
C4 A1IP7 C . 19.40 -4.79 4.38
C5 A1IP7 C . 19.88 -6.09 4.56
C7 A1IP7 C . 15.97 -8.13 6.55
C8 A1IP7 C . 15.41 -6.84 7.05
C9 A1IP7 C . 14.84 -5.95 6.13
C10 A1IP7 C . 14.26 -4.75 6.54
C11 A1IP7 C . 14.29 -4.42 7.89
C12 A1IP7 C . 14.86 -5.27 8.80
C15 A1IP7 C . 17.46 -8.91 4.68
C16 A1IP7 C . 16.93 -10.10 4.19
CL1 A1IP7 C . 14.79 -6.32 4.44
C1 A1IP7 C . 22.46 -3.02 3.01
C13 A1IP7 C . 15.38 -6.50 8.41
C14 A1IP7 C . 15.99 -7.38 9.46
C17 A1IP7 C . 17.56 -10.67 3.10
C18 A1IP7 C . 18.72 -10.15 2.55
C19 A1IP7 C . 19.27 -8.98 3.06
C20 A1IP7 C . 18.62 -8.34 4.13
C21 A1IP7 C . 21.19 -6.40 4.14
C22 A1IP7 C . 23.02 -7.97 4.11
C23 A1IP7 C . 23.28 -9.31 4.70
C24 A1IP7 C . 24.01 -9.45 5.87
C25 A1IP7 C . 24.25 -10.70 6.41
C26 A1IP7 C . 23.77 -11.84 5.78
C27 A1IP7 C . 23.05 -11.72 4.61
C28 A1IP7 C . 22.80 -10.45 4.08
C29 A1IP7 C . 22.02 -5.40 3.67
C6 A1IP7 C . 18.90 -7.15 4.89
F1 A1IP7 C . 17.12 -8.00 9.04
F2 A1IP7 C . 15.18 -8.33 9.91
F3 A1IP7 C . 16.26 -6.70 10.56
N2 A1IP7 C . 17.07 -8.04 5.69
O1 A1IP7 C . 23.65 -3.31 2.81
O2 A1IP7 C . 21.96 -1.90 2.68
O3 A1IP7 C . 15.49 -9.20 6.87
O4 A1IP7 C . 21.62 -7.68 4.26
CL2 A1IP7 C . 16.90 -12.13 2.40
N1 A1IP7 D . -20.51 -3.94 4.13
C2 A1IP7 D . -22.84 -0.80 0.85
C3 A1IP7 D . -21.66 -1.49 0.69
C4 A1IP7 D . -21.11 -2.16 1.77
C5 A1IP7 D . -21.78 -2.19 2.99
C7 A1IP7 D . -19.17 -5.29 5.61
C8 A1IP7 D . -18.72 -6.06 4.41
C9 A1IP7 D . -17.96 -5.42 3.44
C10 A1IP7 D . -17.53 -6.08 2.30
C11 A1IP7 D . -17.84 -7.41 2.13
C12 A1IP7 D . -18.58 -8.07 3.09
C15 A1IP7 D . -20.01 -2.95 6.15
C16 A1IP7 D . -19.57 -2.59 7.41
CL1 A1IP7 D . -17.54 -3.74 3.61
C1 A1IP7 D . -23.47 -0.05 -0.29
C13 A1IP7 D . -19.05 -7.41 4.22
C14 A1IP7 D . -19.82 -8.21 5.23
C17 A1IP7 D . -19.89 -1.32 7.85
C18 A1IP7 D . -20.68 -0.43 7.11
C19 A1IP7 D . -21.15 -0.80 5.87
C20 A1IP7 D . -20.81 -2.08 5.38
C21 A1IP7 D . -22.91 -1.40 3.18
C22 A1IP7 D . -24.85 -0.86 4.48
C23 A1IP7 D . -25.63 -1.44 5.63
C24 A1IP7 D . -26.76 -2.20 5.38
C25 A1IP7 D . -27.48 -2.75 6.43
C26 A1IP7 D . -27.06 -2.55 7.74
C27 A1IP7 D . -25.94 -1.80 7.99
C28 A1IP7 D . -25.22 -1.25 6.94
C29 A1IP7 D . -23.47 -0.75 2.10
C6 A1IP7 D . -21.11 -2.76 4.16
F1 A1IP7 D . -20.92 -7.60 5.65
F2 A1IP7 D . -19.13 -8.40 6.35
F3 A1IP7 D . -20.13 -9.43 4.80
N2 A1IP7 D . -19.88 -4.11 5.36
O1 A1IP7 D . -24.56 0.51 -0.05
O2 A1IP7 D . -22.85 0.00 -1.38
O3 A1IP7 D . -18.95 -5.64 6.74
O4 A1IP7 D . -23.54 -1.42 4.38
CL2 A1IP7 D . -19.32 -0.77 9.39
#